data_7LIT
#
_entry.id   7LIT
#
_cell.length_a   1.00
_cell.length_b   1.00
_cell.length_c   1.00
_cell.angle_alpha   90.00
_cell.angle_beta   90.00
_cell.angle_gamma   90.00
#
_symmetry.space_group_name_H-M   'P 1'
#
loop_
_entity.id
_entity.type
_entity.pdbx_description
1 polymer Maritimacin
2 non-polymer RIBOFLAVIN
#
_entity_poly.entity_id   1
_entity_poly.type   'polypeptide(L)'
_entity_poly.pdbx_seq_one_letter_code
;MEFLKRSFAPLTEKQWQEIDNRAREIFKTQLYGRKFVDVEGPYGWEYAAHPLGEVEVLSDENEVVKWGLRKSLPLIELRA
TFTLDLWELDNLERGKPNVDLSSLEETVRKVAEFEDEVIFRGCEKSGVKGLLSFEERKIECGSTPKDLLEAIVRALSIFS
KDGIEGPYTLVINTDRWINFLGGEKRVEECLRGGKIITTPRIEDALVVSERGGDFKLILGQDLSIGYEDREKDAVRLFIT
ETFTFQVVNPEALILLKF
;
_entity_poly.pdbx_strand_id   A
#
loop_
_chem_comp.id
_chem_comp.type
_chem_comp.name
_chem_comp.formula
RBF non-polymer RIBOFLAVIN 'C17 H20 N4 O6'
#
# COMPACT_ATOMS: atom_id res chain seq x y z
N MET A 1 -13.23 -3.15 16.20
CA MET A 1 -14.33 -3.75 16.92
C MET A 1 -14.80 -2.83 18.03
N GLU A 2 -14.79 -3.33 19.27
CA GLU A 2 -15.34 -2.56 20.37
C GLU A 2 -14.43 -1.41 20.80
N PHE A 3 -13.13 -1.49 20.50
CA PHE A 3 -12.23 -0.40 20.84
C PHE A 3 -12.49 0.84 19.99
N LEU A 4 -13.17 0.69 18.86
CA LEU A 4 -13.70 1.84 18.11
C LEU A 4 -15.04 2.19 18.74
N LYS A 5 -15.11 3.31 19.44
CA LYS A 5 -16.29 3.58 20.24
C LYS A 5 -17.45 4.01 19.37
N ARG A 6 -17.88 3.14 18.46
CA ARG A 6 -18.83 3.55 17.43
C ARG A 6 -20.24 3.68 17.97
N SER A 7 -20.62 2.88 18.95
CA SER A 7 -21.98 2.94 19.47
C SER A 7 -22.23 4.13 20.40
N PHE A 8 -21.21 4.94 20.68
CA PHE A 8 -21.38 6.13 21.50
C PHE A 8 -21.49 7.40 20.67
N ALA A 9 -21.48 7.29 19.36
CA ALA A 9 -21.62 8.44 18.46
C ALA A 9 -23.10 8.70 18.16
N PRO A 10 -23.53 9.95 18.10
CA PRO A 10 -24.95 10.27 17.85
C PRO A 10 -25.34 10.11 16.39
N LEU A 11 -25.21 8.91 15.87
CA LEU A 11 -25.50 8.63 14.47
C LEU A 11 -26.35 7.37 14.38
N THR A 12 -27.18 7.30 13.34
CA THR A 12 -27.97 6.11 13.11
C THR A 12 -27.25 5.14 12.18
N GLU A 13 -27.83 3.96 12.01
CA GLU A 13 -27.22 2.94 11.18
C GLU A 13 -27.12 3.38 9.74
N LYS A 14 -28.13 4.10 9.23
CA LYS A 14 -28.08 4.59 7.86
C LYS A 14 -26.92 5.56 7.66
N GLN A 15 -26.70 6.46 8.62
CA GLN A 15 -25.61 7.41 8.50
C GLN A 15 -24.25 6.72 8.59
N TRP A 16 -24.12 5.73 9.48
CA TRP A 16 -22.88 4.96 9.52
C TRP A 16 -22.62 4.25 8.20
N GLN A 17 -23.66 3.65 7.61
CA GLN A 17 -23.50 2.96 6.34
C GLN A 17 -23.08 3.92 5.23
N GLU A 18 -23.67 5.11 5.20
CA GLU A 18 -23.28 6.10 4.20
C GLU A 18 -21.79 6.42 4.30
N ILE A 19 -21.32 6.70 5.52
CA ILE A 19 -19.90 7.04 5.71
C ILE A 19 -19.00 5.88 5.29
N ASP A 20 -19.35 4.67 5.72
CA ASP A 20 -18.52 3.51 5.39
C ASP A 20 -18.45 3.27 3.90
N ASN A 21 -19.58 3.38 3.19
CA ASN A 21 -19.58 3.15 1.76
C ASN A 21 -18.70 4.15 1.02
N ARG A 22 -18.80 5.43 1.39
CA ARG A 22 -17.96 6.41 0.70
C ARG A 22 -16.48 6.12 0.91
N ALA A 23 -16.09 5.83 2.16
CA ALA A 23 -14.67 5.58 2.43
C ALA A 23 -14.18 4.35 1.68
N ARG A 24 -14.98 3.29 1.65
CA ARG A 24 -14.58 2.06 0.97
C ARG A 24 -14.41 2.31 -0.53
N GLU A 25 -15.32 3.05 -1.14
CA GLU A 25 -15.20 3.36 -2.56
C GLU A 25 -13.89 4.07 -2.86
N ILE A 26 -13.54 5.07 -2.05
CA ILE A 26 -12.32 5.82 -2.39
C ILE A 26 -11.07 4.96 -2.15
N PHE A 27 -11.04 4.19 -1.06
CA PHE A 27 -9.86 3.37 -0.79
C PHE A 27 -9.61 2.36 -1.90
N LYS A 28 -10.68 1.74 -2.40
CA LYS A 28 -10.54 0.68 -3.39
C LYS A 28 -9.79 1.15 -4.64
N THR A 29 -9.94 2.41 -5.03
CA THR A 29 -9.22 2.91 -6.19
C THR A 29 -7.93 3.64 -5.85
N GLN A 30 -7.77 4.17 -4.63
CA GLN A 30 -6.58 4.94 -4.36
C GLN A 30 -5.47 4.17 -3.66
N LEU A 31 -5.70 2.93 -3.23
CA LEU A 31 -4.62 2.11 -2.68
C LEU A 31 -3.96 1.32 -3.81
N TYR A 32 -2.77 1.76 -4.21
CA TYR A 32 -2.11 1.24 -5.41
C TYR A 32 -1.22 0.04 -5.16
N GLY A 33 -0.48 0.02 -4.05
CA GLY A 33 0.39 -1.11 -3.78
C GLY A 33 -0.35 -2.41 -3.58
N ARG A 34 -1.54 -2.35 -3.02
CA ARG A 34 -2.35 -3.55 -2.82
C ARG A 34 -2.80 -4.17 -4.13
N LYS A 35 -2.66 -3.47 -5.24
CA LYS A 35 -3.02 -4.05 -6.52
C LYS A 35 -2.03 -5.11 -6.98
N PHE A 36 -0.82 -5.14 -6.42
CA PHE A 36 0.12 -6.18 -6.83
C PHE A 36 0.98 -6.77 -5.71
N VAL A 37 0.80 -6.38 -4.45
CA VAL A 37 1.54 -7.05 -3.37
C VAL A 37 0.63 -8.04 -2.67
N ASP A 38 1.25 -8.96 -1.92
CA ASP A 38 0.51 -9.91 -1.11
C ASP A 38 0.09 -9.30 0.22
N VAL A 39 -1.05 -9.74 0.72
CA VAL A 39 -1.59 -9.26 1.98
C VAL A 39 -1.66 -10.44 2.95
N GLU A 40 -0.94 -10.34 4.05
CA GLU A 40 -0.91 -11.39 5.07
C GLU A 40 -1.96 -11.05 6.12
N GLY A 41 -2.94 -11.94 6.28
CA GLY A 41 -4.20 -11.65 6.91
C GLY A 41 -4.10 -11.01 8.28
N PRO A 42 -5.18 -10.35 8.70
CA PRO A 42 -5.12 -9.58 9.95
C PRO A 42 -4.79 -10.44 11.15
N TYR A 43 -3.91 -9.92 12.00
CA TYR A 43 -3.52 -10.62 13.22
C TYR A 43 -4.23 -10.10 14.46
N GLY A 44 -4.73 -8.88 14.43
CA GLY A 44 -5.48 -8.33 15.55
C GLY A 44 -4.87 -7.04 16.06
N TRP A 45 -5.64 -6.41 16.94
CA TRP A 45 -5.29 -5.10 17.49
C TRP A 45 -4.14 -5.17 18.49
N GLU A 46 -3.76 -6.36 18.96
CA GLU A 46 -2.68 -6.50 19.93
C GLU A 46 -1.35 -6.90 19.33
N TYR A 47 -1.30 -7.24 18.03
CA TYR A 47 -0.06 -7.63 17.39
C TYR A 47 0.92 -6.45 17.36
N ALA A 48 2.18 -6.72 17.70
CA ALA A 48 3.15 -5.65 17.89
C ALA A 48 4.38 -5.76 17.00
N ALA A 49 4.90 -6.96 16.76
CA ALA A 49 6.12 -7.11 15.99
C ALA A 49 6.03 -8.37 15.13
N HIS A 50 6.79 -8.37 14.04
CA HIS A 50 6.87 -9.46 13.10
C HIS A 50 8.28 -10.03 13.08
N PRO A 51 8.45 -11.34 13.28
CA PRO A 51 9.80 -11.89 13.42
C PRO A 51 10.61 -11.82 12.14
N LEU A 52 11.93 -11.67 12.29
CA LEU A 52 12.84 -11.70 11.15
C LEU A 52 13.63 -13.00 11.07
N GLY A 53 13.51 -13.89 12.06
CA GLY A 53 14.24 -15.14 12.07
C GLY A 53 15.73 -15.02 12.21
N GLU A 54 16.21 -14.19 13.13
CA GLU A 54 17.63 -13.95 13.24
C GLU A 54 18.00 -13.50 14.65
N VAL A 55 19.24 -13.78 15.04
CA VAL A 55 19.78 -13.47 16.36
C VAL A 55 20.97 -12.54 16.18
N GLU A 56 21.05 -11.53 17.03
CA GLU A 56 22.23 -10.65 17.10
C GLU A 56 22.98 -10.95 18.39
N VAL A 57 24.26 -11.27 18.27
CA VAL A 57 25.06 -11.75 19.38
C VAL A 57 25.70 -10.56 20.10
N LEU A 58 25.57 -10.53 21.42
CA LEU A 58 25.99 -9.39 22.22
C LEU A 58 27.00 -9.71 23.30
N SER A 59 27.43 -10.96 23.44
CA SER A 59 28.39 -11.33 24.46
C SER A 59 29.82 -11.28 23.89
N ASP A 60 30.79 -11.41 24.78
CA ASP A 60 32.20 -11.42 24.40
C ASP A 60 32.58 -12.79 23.84
N GLU A 61 33.83 -12.90 23.38
CA GLU A 61 34.29 -14.14 22.76
C GLU A 61 34.61 -15.22 23.78
N ASN A 62 35.05 -14.84 24.98
CA ASN A 62 35.55 -15.78 25.96
C ASN A 62 34.50 -16.23 26.99
N GLU A 63 33.28 -15.72 26.90
CA GLU A 63 32.27 -16.07 27.90
C GLU A 63 31.83 -17.52 27.76
N VAL A 64 31.56 -18.16 28.88
CA VAL A 64 31.09 -19.54 28.86
C VAL A 64 29.66 -19.61 28.34
N VAL A 65 28.80 -18.72 28.82
CA VAL A 65 27.42 -18.64 28.35
C VAL A 65 27.33 -17.48 27.37
N LYS A 66 26.91 -17.75 26.15
CA LYS A 66 26.82 -16.76 25.09
C LYS A 66 25.38 -16.52 24.72
N TRP A 67 25.03 -15.27 24.42
CA TRP A 67 23.64 -14.87 24.32
C TRP A 67 23.48 -13.76 23.29
N GLY A 68 22.24 -13.57 22.86
CA GLY A 68 21.91 -12.51 21.95
C GLY A 68 20.43 -12.23 21.98
N LEU A 69 20.00 -11.33 21.09
CA LEU A 69 18.61 -10.89 21.00
C LEU A 69 18.01 -11.27 19.65
N ARG A 70 16.77 -11.73 19.67
CA ARG A 70 16.03 -12.00 18.45
C ARG A 70 15.62 -10.69 17.77
N LYS A 71 15.48 -10.73 16.45
CA LYS A 71 15.18 -9.53 15.67
C LYS A 71 13.78 -9.56 15.08
N SER A 72 13.17 -8.37 15.00
CA SER A 72 11.82 -8.25 14.47
C SER A 72 11.59 -6.86 13.90
N LEU A 73 10.46 -6.72 13.22
CA LEU A 73 9.98 -5.46 12.66
C LEU A 73 8.81 -4.95 13.48
N PRO A 74 8.87 -3.75 14.05
CA PRO A 74 7.72 -3.22 14.79
C PRO A 74 6.65 -2.70 13.86
N LEU A 75 5.39 -2.90 14.25
CA LEU A 75 4.29 -2.42 13.43
C LEU A 75 4.10 -0.92 13.59
N ILE A 76 3.55 -0.30 12.56
CA ILE A 76 3.25 1.12 12.54
C ILE A 76 1.76 1.30 12.77
N GLU A 77 1.39 2.19 13.68
CA GLU A 77 0.01 2.54 13.94
C GLU A 77 -0.22 3.99 13.50
N LEU A 78 -1.27 4.21 12.72
CA LEU A 78 -1.61 5.55 12.26
C LEU A 78 -3.05 5.87 12.63
N ARG A 79 -3.29 7.16 12.91
CA ARG A 79 -4.59 7.72 13.24
C ARG A 79 -4.72 9.11 12.64
N ALA A 80 -5.80 9.35 11.90
CA ALA A 80 -6.08 10.66 11.31
C ALA A 80 -7.52 11.07 11.61
N THR A 81 -7.71 12.31 12.05
CA THR A 81 -9.02 12.78 12.49
C THR A 81 -9.66 13.73 11.49
N PHE A 82 -11.00 13.79 11.54
CA PHE A 82 -11.77 14.71 10.72
C PHE A 82 -13.10 14.99 11.43
N THR A 83 -13.80 16.03 10.99
CA THR A 83 -15.08 16.42 11.57
C THR A 83 -16.19 16.43 10.53
N LEU A 84 -17.39 16.09 10.98
CA LEU A 84 -18.59 16.11 10.13
C LEU A 84 -19.70 16.87 10.82
N ASP A 85 -20.55 17.51 10.01
CA ASP A 85 -21.58 18.41 10.50
C ASP A 85 -22.90 17.69 10.70
N LEU A 86 -23.52 17.89 11.87
CA LEU A 86 -24.65 17.07 12.29
C LEU A 86 -25.93 17.41 11.54
N TRP A 87 -26.20 18.69 11.29
CA TRP A 87 -27.41 19.05 10.55
C TRP A 87 -27.35 18.51 9.12
N GLU A 88 -26.21 18.69 8.46
CA GLU A 88 -26.04 18.16 7.11
C GLU A 88 -26.13 16.65 7.09
N LEU A 89 -25.64 15.98 8.12
CA LEU A 89 -25.83 14.52 8.18
C LEU A 89 -27.29 14.15 8.43
N ASP A 90 -28.01 14.96 9.20
CA ASP A 90 -29.40 14.65 9.53
C ASP A 90 -30.34 14.87 8.36
N ASN A 91 -29.95 15.66 7.36
CA ASN A 91 -30.76 15.76 6.15
C ASN A 91 -30.94 14.40 5.46
N LEU A 92 -30.05 13.46 5.71
CA LEU A 92 -30.16 12.14 5.09
C LEU A 92 -31.43 11.42 5.52
N GLU A 93 -31.90 11.65 6.75
CA GLU A 93 -33.14 11.06 7.20
C GLU A 93 -34.36 11.77 6.61
N ARG A 94 -34.25 13.06 6.34
CA ARG A 94 -35.30 13.76 5.60
C ARG A 94 -35.37 13.28 4.16
N GLY A 95 -34.28 12.74 3.62
CA GLY A 95 -34.37 12.08 2.33
C GLY A 95 -33.42 12.60 1.28
N LYS A 96 -32.46 13.40 1.69
CA LYS A 96 -31.48 13.92 0.75
C LYS A 96 -30.54 12.80 0.33
N PRO A 97 -30.32 12.60 -0.98
CA PRO A 97 -29.45 11.52 -1.43
C PRO A 97 -27.99 11.90 -1.65
N ASN A 98 -27.63 13.17 -1.54
CA ASN A 98 -26.25 13.63 -1.78
C ASN A 98 -25.81 14.52 -0.63
N VAL A 99 -25.31 13.92 0.42
CA VAL A 99 -24.85 14.65 1.60
C VAL A 99 -23.37 14.97 1.43
N ASP A 100 -22.95 16.11 1.97
CA ASP A 100 -21.58 16.58 1.81
C ASP A 100 -20.62 15.82 2.73
N LEU A 101 -19.57 15.23 2.15
CA LEU A 101 -18.59 14.43 2.89
C LEU A 101 -17.17 14.76 2.44
N SER A 102 -16.91 16.05 2.16
CA SER A 102 -15.64 16.42 1.57
C SER A 102 -14.47 16.24 2.52
N SER A 103 -14.69 16.48 3.82
CA SER A 103 -13.63 16.26 4.80
C SER A 103 -13.23 14.80 4.87
N LEU A 104 -14.22 13.90 4.87
CA LEU A 104 -13.94 12.48 4.84
C LEU A 104 -13.14 12.11 3.60
N GLU A 105 -13.53 12.64 2.44
CA GLU A 105 -12.83 12.30 1.21
C GLU A 105 -11.37 12.75 1.23
N GLU A 106 -11.13 13.99 1.67
CA GLU A 106 -9.77 14.50 1.73
C GLU A 106 -8.89 13.69 2.69
N THR A 107 -9.43 13.37 3.87
CA THR A 107 -8.65 12.59 4.82
C THR A 107 -8.34 11.20 4.29
N VAL A 108 -9.30 10.57 3.61
CA VAL A 108 -9.06 9.25 3.04
C VAL A 108 -7.93 9.30 2.02
N ARG A 109 -7.93 10.32 1.18
CA ARG A 109 -6.86 10.44 0.18
C ARG A 109 -5.50 10.60 0.84
N LYS A 110 -5.42 11.40 1.90
CA LYS A 110 -4.12 11.57 2.57
C LYS A 110 -3.64 10.28 3.22
N VAL A 111 -4.54 9.51 3.83
CA VAL A 111 -4.13 8.24 4.44
C VAL A 111 -3.61 7.28 3.38
N ALA A 112 -4.30 7.20 2.23
CA ALA A 112 -3.84 6.30 1.16
C ALA A 112 -2.47 6.73 0.65
N GLU A 113 -2.25 8.03 0.52
CA GLU A 113 -0.94 8.52 0.10
C GLU A 113 0.15 8.12 1.09
N PHE A 114 -0.14 8.21 2.39
CA PHE A 114 0.84 7.81 3.40
C PHE A 114 1.23 6.35 3.26
N GLU A 115 0.24 5.47 3.15
CA GLU A 115 0.54 4.04 3.05
C GLU A 115 1.34 3.73 1.79
N ASP A 116 0.97 4.32 0.65
CA ASP A 116 1.74 4.08 -0.56
C ASP A 116 3.15 4.63 -0.46
N GLU A 117 3.34 5.76 0.23
CA GLU A 117 4.68 6.28 0.43
C GLU A 117 5.54 5.30 1.20
N VAL A 118 4.98 4.67 2.24
CA VAL A 118 5.75 3.67 2.97
C VAL A 118 6.11 2.49 2.07
N ILE A 119 5.16 2.01 1.27
CA ILE A 119 5.43 0.84 0.43
C ILE A 119 6.50 1.13 -0.61
N PHE A 120 6.45 2.31 -1.24
CA PHE A 120 7.37 2.58 -2.33
C PHE A 120 8.71 3.18 -1.89
N ARG A 121 8.78 3.87 -0.77
CA ARG A 121 10.03 4.52 -0.38
C ARG A 121 10.46 4.24 1.05
N GLY A 122 9.76 3.37 1.77
CA GLY A 122 10.23 2.90 3.07
C GLY A 122 10.12 3.93 4.17
N CYS A 123 10.59 3.52 5.35
CA CYS A 123 10.59 4.37 6.54
C CYS A 123 11.85 4.05 7.33
N GLU A 124 12.74 5.03 7.49
CA GLU A 124 14.02 4.76 8.11
C GLU A 124 13.90 4.54 9.61
N LYS A 125 12.99 5.26 10.28
CA LYS A 125 12.82 5.09 11.71
C LYS A 125 12.22 3.73 12.05
N SER A 126 11.52 3.11 11.11
CA SER A 126 10.87 1.83 11.38
C SER A 126 11.65 0.62 10.89
N GLY A 127 12.59 0.81 9.96
CA GLY A 127 13.34 -0.30 9.42
C GLY A 127 12.78 -0.91 8.16
N VAL A 128 11.85 -0.25 7.50
CA VAL A 128 11.26 -0.75 6.26
C VAL A 128 12.09 -0.24 5.09
N LYS A 129 12.37 -1.13 4.14
CA LYS A 129 13.08 -0.78 2.92
C LYS A 129 12.12 -0.87 1.74
N GLY A 130 12.00 0.22 1.00
CA GLY A 130 11.00 0.30 -0.05
C GLY A 130 11.45 -0.33 -1.36
N LEU A 131 10.50 -0.39 -2.31
CA LEU A 131 10.76 -1.02 -3.60
C LEU A 131 11.83 -0.28 -4.37
N LEU A 132 11.80 1.04 -4.36
CA LEU A 132 12.73 1.82 -5.18
C LEU A 132 14.12 1.92 -4.58
N SER A 133 14.39 1.25 -3.46
CA SER A 133 15.70 1.27 -2.85
C SER A 133 16.63 0.21 -3.43
N PHE A 134 16.10 -0.85 -4.01
CA PHE A 134 16.92 -1.93 -4.57
C PHE A 134 17.48 -1.47 -5.91
N GLU A 135 18.60 -0.75 -5.82
CA GLU A 135 19.17 -0.07 -6.98
C GLU A 135 19.94 -0.99 -7.90
N GLU A 136 20.32 -2.18 -7.44
CA GLU A 136 21.05 -3.09 -8.31
C GLU A 136 20.16 -3.79 -9.31
N ARG A 137 18.84 -3.72 -9.15
CA ARG A 137 17.90 -4.31 -10.10
C ARG A 137 17.39 -3.27 -11.08
N LYS A 138 18.32 -2.70 -11.87
CA LYS A 138 18.02 -1.55 -12.70
C LYS A 138 18.57 -1.74 -14.10
N ILE A 139 17.77 -1.43 -15.12
CA ILE A 139 18.23 -1.42 -16.50
C ILE A 139 17.72 -0.15 -17.18
N GLU A 140 18.42 0.25 -18.24
CA GLU A 140 18.18 1.50 -18.93
C GLU A 140 17.23 1.31 -20.10
N CYS A 141 16.42 2.33 -20.36
CA CYS A 141 15.41 2.28 -21.41
C CYS A 141 15.37 3.61 -22.13
N GLY A 142 14.89 3.57 -23.38
CA GLY A 142 14.70 4.77 -24.17
C GLY A 142 13.33 5.37 -23.99
N SER A 143 12.98 6.28 -24.90
CA SER A 143 11.73 7.02 -24.82
C SER A 143 10.88 6.83 -26.08
N THR A 144 10.90 5.63 -26.65
CA THR A 144 10.08 5.28 -27.80
C THR A 144 9.40 3.94 -27.53
N PRO A 145 8.26 3.67 -28.17
CA PRO A 145 7.59 2.38 -27.95
C PRO A 145 8.46 1.19 -28.28
N LYS A 146 9.30 1.32 -29.32
CA LYS A 146 10.26 0.25 -29.61
C LYS A 146 11.21 0.05 -28.44
N ASP A 147 11.67 1.13 -27.82
CA ASP A 147 12.54 1.02 -26.67
C ASP A 147 11.84 0.33 -25.51
N LEU A 148 10.57 0.66 -25.27
CA LEU A 148 9.85 0.01 -24.20
C LEU A 148 9.71 -1.49 -24.43
N LEU A 149 9.39 -1.89 -25.66
CA LEU A 149 9.28 -3.31 -25.96
C LEU A 149 10.61 -4.02 -25.79
N GLU A 150 11.71 -3.41 -26.25
CA GLU A 150 13.01 -4.02 -26.08
C GLU A 150 13.37 -4.16 -24.60
N ALA A 151 13.07 -3.14 -23.79
CA ALA A 151 13.36 -3.20 -22.37
C ALA A 151 12.58 -4.32 -21.70
N ILE A 152 11.31 -4.50 -22.06
CA ILE A 152 10.51 -5.56 -21.46
C ILE A 152 11.07 -6.93 -21.84
N VAL A 153 11.51 -7.10 -23.09
CA VAL A 153 12.09 -8.38 -23.49
C VAL A 153 13.36 -8.68 -22.70
N ARG A 154 14.23 -7.67 -22.52
CA ARG A 154 15.43 -7.89 -21.72
C ARG A 154 15.11 -8.23 -20.29
N ALA A 155 14.09 -7.57 -19.72
CA ALA A 155 13.71 -7.86 -18.33
C ALA A 155 13.24 -9.30 -18.19
N LEU A 156 12.46 -9.80 -19.16
CA LEU A 156 12.05 -11.19 -19.08
C LEU A 156 13.24 -12.13 -19.20
N SER A 157 14.25 -11.75 -19.98
CA SER A 157 15.46 -12.58 -20.03
C SER A 157 16.14 -12.65 -18.67
N ILE A 158 16.22 -11.54 -17.96
CA ILE A 158 16.84 -11.54 -16.64
C ILE A 158 16.04 -12.39 -15.66
N PHE A 159 14.72 -12.28 -15.69
CA PHE A 159 13.89 -13.14 -14.85
C PHE A 159 14.15 -14.61 -15.15
N SER A 160 14.25 -14.96 -16.44
CA SER A 160 14.51 -16.34 -16.82
C SER A 160 15.85 -16.82 -16.27
N LYS A 161 16.88 -15.98 -16.32
CA LYS A 161 18.16 -16.38 -15.78
C LYS A 161 18.09 -16.59 -14.27
N ASP A 162 17.30 -15.78 -13.58
CA ASP A 162 17.18 -15.95 -12.12
C ASP A 162 16.28 -17.11 -11.72
N GLY A 163 15.44 -17.61 -12.62
CA GLY A 163 14.54 -18.68 -12.28
C GLY A 163 13.15 -18.26 -11.90
N ILE A 164 12.80 -16.98 -12.07
CA ILE A 164 11.49 -16.46 -11.69
C ILE A 164 10.57 -16.58 -12.88
N GLU A 165 9.49 -17.34 -12.74
CA GLU A 165 8.55 -17.56 -13.84
C GLU A 165 7.14 -17.52 -13.29
N GLY A 166 6.45 -16.41 -13.54
CA GLY A 166 5.04 -16.29 -13.25
C GLY A 166 4.43 -15.29 -14.20
N PRO A 167 3.20 -14.84 -13.91
CA PRO A 167 2.66 -13.68 -14.64
C PRO A 167 3.47 -12.44 -14.34
N TYR A 168 3.58 -11.56 -15.34
CA TYR A 168 4.37 -10.35 -15.20
C TYR A 168 3.48 -9.12 -15.30
N THR A 169 3.84 -8.08 -14.57
CA THR A 169 3.05 -6.86 -14.47
C THR A 169 3.95 -5.66 -14.65
N LEU A 170 3.47 -4.67 -15.42
CA LEU A 170 4.18 -3.41 -15.61
C LEU A 170 3.50 -2.32 -14.81
N VAL A 171 4.27 -1.59 -14.01
CA VAL A 171 3.79 -0.48 -13.20
C VAL A 171 4.48 0.77 -13.71
N ILE A 172 3.70 1.74 -14.21
CA ILE A 172 4.27 2.86 -14.95
C ILE A 172 3.55 4.16 -14.61
N ASN A 173 4.29 5.26 -14.72
CA ASN A 173 3.75 6.60 -14.50
C ASN A 173 2.78 6.99 -15.60
N THR A 174 1.73 7.73 -15.23
CA THR A 174 0.66 8.07 -16.17
C THR A 174 1.13 9.00 -17.29
N ASP A 175 1.91 10.03 -16.94
CA ASP A 175 2.39 10.94 -17.96
C ASP A 175 3.29 10.24 -18.96
N ARG A 176 4.07 9.28 -18.50
CA ARG A 176 4.92 8.53 -19.42
C ARG A 176 4.11 7.56 -20.26
N TRP A 177 3.05 6.98 -19.68
CA TRP A 177 2.20 6.08 -20.46
C TRP A 177 1.47 6.82 -21.57
N ILE A 178 1.14 8.10 -21.35
CA ILE A 178 0.47 8.86 -22.38
C ILE A 178 1.33 8.96 -23.64
N ASN A 179 2.66 9.09 -23.48
CA ASN A 179 3.53 9.13 -24.64
C ASN A 179 3.62 7.79 -25.36
N PHE A 180 3.49 6.69 -24.62
CA PHE A 180 3.56 5.36 -25.20
C PHE A 180 2.20 4.84 -25.67
N LEU A 181 1.15 5.65 -25.54
CA LEU A 181 -0.15 5.26 -26.07
C LEU A 181 -0.05 4.82 -27.51
N GLY A 182 -0.91 3.88 -27.89
CA GLY A 182 -0.93 3.32 -29.23
C GLY A 182 -0.29 1.94 -29.35
N GLY A 183 0.54 1.56 -28.38
CA GLY A 183 1.14 0.24 -28.36
C GLY A 183 0.66 -0.67 -27.25
N GLU A 184 -0.54 -0.46 -26.72
CA GLU A 184 -0.99 -1.23 -25.56
C GLU A 184 -1.07 -2.72 -25.86
N LYS A 185 -1.64 -3.08 -27.01
CA LYS A 185 -1.78 -4.49 -27.36
C LYS A 185 -0.43 -5.15 -27.53
N ARG A 186 0.50 -4.45 -28.19
CA ARG A 186 1.83 -5.01 -28.39
C ARG A 186 2.56 -5.19 -27.06
N VAL A 187 2.40 -4.24 -26.14
CA VAL A 187 3.01 -4.36 -24.82
C VAL A 187 2.44 -5.55 -24.08
N GLU A 188 1.13 -5.74 -24.16
CA GLU A 188 0.51 -6.91 -23.53
C GLU A 188 1.07 -8.21 -24.11
N GLU A 189 1.23 -8.27 -25.44
CA GLU A 189 1.77 -9.47 -26.06
C GLU A 189 3.19 -9.74 -25.58
N CYS A 190 4.02 -8.71 -25.49
CA CYS A 190 5.38 -8.92 -25.02
C CYS A 190 5.42 -9.30 -23.55
N LEU A 191 4.41 -8.89 -22.78
CA LEU A 191 4.29 -9.31 -21.39
C LEU A 191 3.63 -10.67 -21.24
N ARG A 192 3.15 -11.27 -22.33
CA ARG A 192 2.44 -12.55 -22.32
C ARG A 192 1.10 -12.43 -21.60
N GLY A 193 0.31 -11.44 -22.01
CA GLY A 193 -0.97 -11.22 -21.41
C GLY A 193 -0.91 -10.81 -19.95
N GLY A 194 0.04 -9.94 -19.61
CA GLY A 194 0.12 -9.41 -18.27
C GLY A 194 -0.67 -8.12 -18.13
N LYS A 195 -0.61 -7.57 -16.92
CA LYS A 195 -1.33 -6.35 -16.58
C LYS A 195 -0.44 -5.12 -16.71
N ILE A 196 -1.10 -3.98 -16.89
CA ILE A 196 -0.48 -2.66 -16.84
C ILE A 196 -1.20 -1.85 -15.79
N ILE A 197 -0.45 -1.25 -14.88
CA ILE A 197 -0.98 -0.43 -13.80
C ILE A 197 -0.34 0.94 -13.91
N THR A 198 -1.17 1.95 -14.15
CA THR A 198 -0.72 3.33 -14.20
C THR A 198 -0.95 3.97 -12.85
N THR A 199 -0.02 4.82 -12.42
CA THR A 199 -0.06 5.38 -11.08
C THR A 199 0.74 6.66 -11.05
N PRO A 200 0.35 7.64 -10.23
CA PRO A 200 1.17 8.84 -10.02
C PRO A 200 2.15 8.75 -8.86
N ARG A 201 2.38 7.56 -8.30
CA ARG A 201 3.25 7.42 -7.14
C ARG A 201 4.73 7.31 -7.50
N ILE A 202 5.07 7.02 -8.76
CA ILE A 202 6.44 6.87 -9.18
C ILE A 202 6.65 7.70 -10.44
N GLU A 203 7.92 7.92 -10.79
CA GLU A 203 8.28 8.72 -11.95
C GLU A 203 8.71 7.91 -13.16
N ASP A 204 9.09 6.65 -12.96
CA ASP A 204 9.52 5.76 -14.04
C ASP A 204 8.70 4.49 -13.99
N ALA A 205 9.12 3.44 -14.66
CA ALA A 205 8.40 2.17 -14.63
C ALA A 205 9.14 1.14 -13.80
N LEU A 206 8.47 0.00 -13.61
CA LEU A 206 9.08 -1.19 -13.04
C LEU A 206 8.28 -2.40 -13.46
N VAL A 207 8.93 -3.56 -13.47
CA VAL A 207 8.32 -4.83 -13.86
C VAL A 207 8.41 -5.79 -12.69
N VAL A 208 7.30 -6.42 -12.34
CA VAL A 208 7.28 -7.35 -11.22
C VAL A 208 6.67 -8.68 -11.66
N SER A 209 6.96 -9.71 -10.88
CA SER A 209 6.38 -11.02 -11.03
C SER A 209 5.30 -11.24 -9.97
N GLU A 210 4.18 -11.80 -10.39
CA GLU A 210 3.06 -12.05 -9.49
C GLU A 210 2.83 -13.53 -9.25
N ARG A 211 3.91 -14.32 -9.19
CA ARG A 211 3.76 -15.72 -8.84
C ARG A 211 3.30 -15.90 -7.40
N GLY A 212 3.73 -15.02 -6.50
CA GLY A 212 3.24 -15.06 -5.13
C GLY A 212 4.34 -15.29 -4.11
N GLY A 213 4.37 -14.46 -3.09
CA GLY A 213 5.27 -14.63 -1.98
C GLY A 213 6.56 -13.85 -2.02
N ASP A 214 6.63 -12.76 -2.79
CA ASP A 214 7.86 -11.98 -2.90
C ASP A 214 7.77 -10.62 -2.22
N PHE A 215 6.58 -10.05 -2.09
CA PHE A 215 6.39 -8.78 -1.39
C PHE A 215 5.22 -8.98 -0.43
N LYS A 216 5.43 -8.66 0.84
CA LYS A 216 4.43 -8.93 1.88
C LYS A 216 4.04 -7.65 2.60
N LEU A 217 2.74 -7.44 2.73
CA LEU A 217 2.17 -6.40 3.57
C LEU A 217 1.51 -7.11 4.77
N ILE A 218 2.03 -6.88 5.96
CA ILE A 218 1.56 -7.50 7.18
C ILE A 218 0.61 -6.54 7.87
N LEU A 219 -0.63 -6.97 8.10
CA LEU A 219 -1.66 -6.14 8.72
C LEU A 219 -2.00 -6.67 10.10
N GLY A 220 -2.10 -5.77 11.07
CA GLY A 220 -2.67 -6.16 12.34
C GLY A 220 -4.15 -5.86 12.39
N GLN A 221 -4.48 -4.60 12.09
CA GLN A 221 -5.85 -4.13 12.00
C GLN A 221 -6.00 -3.42 10.67
N ASP A 222 -7.02 -3.78 9.90
CA ASP A 222 -7.24 -3.11 8.63
C ASP A 222 -7.84 -1.73 8.87
N LEU A 223 -7.92 -0.95 7.79
CA LEU A 223 -8.37 0.44 7.90
C LEU A 223 -9.77 0.51 8.49
N SER A 224 -9.92 1.29 9.56
CA SER A 224 -11.19 1.35 10.28
C SER A 224 -11.52 2.80 10.63
N ILE A 225 -12.82 3.04 10.85
CA ILE A 225 -13.34 4.35 11.21
C ILE A 225 -13.96 4.26 12.59
N GLY A 226 -13.60 5.20 13.48
CA GLY A 226 -14.12 5.22 14.83
C GLY A 226 -14.44 6.64 15.27
N TYR A 227 -14.90 6.75 16.52
CA TYR A 227 -15.45 7.98 17.08
C TYR A 227 -14.56 8.51 18.19
N GLU A 228 -14.27 9.81 18.18
CA GLU A 228 -13.46 10.43 19.24
C GLU A 228 -14.32 11.20 20.24
N ASP A 229 -15.02 12.23 19.78
CA ASP A 229 -15.72 13.14 20.67
C ASP A 229 -16.75 13.91 19.86
N ARG A 230 -17.33 14.94 20.48
CA ARG A 230 -18.35 15.76 19.86
C ARG A 230 -18.14 17.19 20.29
N GLU A 231 -18.12 18.12 19.33
CA GLU A 231 -17.82 19.53 19.65
C GLU A 231 -18.87 20.48 19.07
N LYS A 232 -20.00 20.57 19.76
CA LYS A 232 -20.95 21.69 19.75
C LYS A 232 -21.74 21.85 18.45
N ASP A 233 -21.24 21.35 17.35
CA ASP A 233 -22.02 21.32 16.12
C ASP A 233 -21.67 20.13 15.23
N ALA A 234 -20.76 19.27 15.66
CA ALA A 234 -20.08 18.36 14.75
C ALA A 234 -19.61 17.17 15.54
N VAL A 235 -19.25 16.11 14.82
CA VAL A 235 -18.66 14.93 15.43
C VAL A 235 -17.24 14.79 14.89
N ARG A 236 -16.32 14.43 15.77
CA ARG A 236 -14.94 14.13 15.39
C ARG A 236 -14.79 12.62 15.27
N LEU A 237 -14.40 12.16 14.09
CA LEU A 237 -14.15 10.76 13.83
C LEU A 237 -12.68 10.59 13.43
N PHE A 238 -12.23 9.34 13.38
CA PHE A 238 -10.85 9.06 13.01
C PHE A 238 -10.77 7.80 12.15
N ILE A 239 -9.70 7.74 11.36
CA ILE A 239 -9.32 6.57 10.58
C ILE A 239 -8.04 6.01 11.18
N THR A 240 -8.00 4.70 11.38
CA THR A 240 -6.85 4.08 12.05
C THR A 240 -6.45 2.79 11.33
N GLU A 241 -5.17 2.44 11.48
CA GLU A 241 -4.63 1.22 10.90
C GLU A 241 -3.30 0.87 11.56
N THR A 242 -2.89 -0.39 11.43
CA THR A 242 -1.57 -0.83 11.88
C THR A 242 -1.00 -1.90 10.95
N PHE A 243 0.24 -1.69 10.49
CA PHE A 243 0.79 -2.48 9.39
C PHE A 243 2.31 -2.42 9.37
N THR A 244 2.89 -3.25 8.52
CA THR A 244 4.30 -3.16 8.13
C THR A 244 4.48 -3.86 6.78
N PHE A 245 5.68 -3.75 6.21
CA PHE A 245 5.93 -4.21 4.84
C PHE A 245 7.34 -4.76 4.71
N GLN A 246 7.51 -5.81 3.91
CA GLN A 246 8.85 -6.27 3.61
C GLN A 246 8.94 -6.94 2.24
N VAL A 247 10.12 -6.80 1.63
CA VAL A 247 10.46 -7.43 0.36
C VAL A 247 11.25 -8.70 0.66
N VAL A 248 10.66 -9.85 0.36
CA VAL A 248 11.31 -11.12 0.67
C VAL A 248 12.34 -11.48 -0.40
N ASN A 249 11.94 -11.50 -1.67
CA ASN A 249 12.81 -11.90 -2.77
C ASN A 249 13.05 -10.72 -3.70
N PRO A 250 14.18 -10.03 -3.58
CA PRO A 250 14.45 -8.91 -4.49
C PRO A 250 14.63 -9.31 -5.94
N GLU A 251 14.82 -10.60 -6.23
CA GLU A 251 15.04 -11.05 -7.59
C GLU A 251 13.78 -10.98 -8.46
N ALA A 252 12.61 -10.76 -7.85
CA ALA A 252 11.36 -10.66 -8.59
C ALA A 252 11.00 -9.22 -8.94
N LEU A 253 11.99 -8.34 -9.07
CA LEU A 253 11.74 -6.92 -9.27
C LEU A 253 12.84 -6.34 -10.14
N ILE A 254 12.45 -5.57 -11.16
CA ILE A 254 13.40 -4.91 -12.05
C ILE A 254 12.96 -3.47 -12.25
N LEU A 255 13.88 -2.53 -12.07
CA LEU A 255 13.61 -1.11 -12.26
C LEU A 255 13.99 -0.69 -13.68
N LEU A 256 13.15 0.12 -14.29
CA LEU A 256 13.41 0.68 -15.61
C LEU A 256 13.75 2.16 -15.45
N LYS A 257 14.87 2.58 -16.03
CA LYS A 257 15.31 3.97 -15.92
C LYS A 257 15.15 4.63 -17.28
N PHE A 258 14.26 5.62 -17.35
CA PHE A 258 14.02 6.38 -18.56
C PHE A 258 13.15 7.59 -18.27
N1 RBF B . -29.86 20.72 14.06
C2 RBF B . -29.45 19.48 13.86
O2 RBF B . -28.36 19.17 14.29
N3 RBF B . -30.14 18.55 13.21
C4 RBF B . -31.35 18.82 12.70
O4 RBF B . -31.99 17.97 12.11
C4A RBF B . -31.88 20.18 12.90
N5 RBF B . -33.04 20.54 12.44
C5A RBF B . -33.50 21.77 12.63
C6 RBF B . -34.76 22.12 12.13
C7 RBF B . -35.23 23.38 12.31
C7M RBF B . -36.59 23.74 11.78
C8 RBF B . -34.48 24.33 13.00
C8M RBF B . -35.02 25.71 13.19
C9 RBF B . -33.24 24.01 13.50
C9A RBF B . -32.74 22.73 13.33
N10 RBF B . -31.49 22.40 13.82
C10 RBF B . -31.04 21.13 13.63
C1' RBF B . -30.70 23.39 14.53
C2' RBF B . -30.47 22.97 15.97
O2' RBF B . -31.57 23.39 16.78
C3' RBF B . -29.15 23.60 16.45
O3' RBF B . -28.35 22.58 17.06
C4' RBF B . -29.37 24.75 17.44
O4' RBF B . -28.22 25.59 17.43
C5' RBF B . -29.57 24.19 18.85
O5' RBF B . -29.96 25.24 19.74
#